data_4BW0
#
_entry.id   4BW0
#
_cell.length_a   61.920
_cell.length_b   61.920
_cell.length_c   130.970
_cell.angle_alpha   90.00
_cell.angle_beta   90.00
_cell.angle_gamma   90.00
#
_symmetry.space_group_name_H-M   'P 43 21 2'
#
loop_
_entity.id
_entity.type
_entity.pdbx_description
1 polymer HMKT-7
2 polymer '50S RIBOSOMAL PROTEIN L7AE'
3 non-polymer 'SULFATE ION'
4 water water
#
loop_
_entity_poly.entity_id
_entity_poly.type
_entity_poly.pdbx_seq_one_letter_code
_entity_poly.pdbx_strand_id
1 'polyribonucleotide' GGGGGAGCCGAAAGGCGAAGAACCCA A
2 'polypeptide(L)'
;GPEASYVRFEVPEDMQNEALSLLEKVRESGKVKKGTNETTKAVERGLAKLVYIAEDVDPPEIVAHLPLLCEEKNVPYIYV
KSKNDLGRAVGIEVPCASAAIINEGELRKELGSLVEKIKGLQK
;
B
#
loop_
_chem_comp.id
_chem_comp.type
_chem_comp.name
_chem_comp.formula
A RNA linking ADENOSINE-5'-MONOPHOSPHATE 'C10 H14 N5 O7 P'
C RNA linking CYTIDINE-5'-MONOPHOSPHATE 'C9 H14 N3 O8 P'
G RNA linking GUANOSINE-5'-MONOPHOSPHATE 'C10 H14 N5 O8 P'
SO4 non-polymer 'SULFATE ION' 'O4 S -2'
#
# COMPACT_ATOMS: atom_id res chain seq x y z
N SER B 5 3.21 13.86 12.21
CA SER B 5 2.89 13.26 10.92
C SER B 5 2.80 11.75 11.03
N TYR B 6 1.93 11.16 10.23
CA TYR B 6 1.77 9.72 10.21
C TYR B 6 2.85 9.05 9.35
N VAL B 7 3.62 9.86 8.64
CA VAL B 7 4.70 9.34 7.83
C VAL B 7 5.91 9.01 8.70
N ARG B 8 6.17 7.72 8.86
CA ARG B 8 7.15 7.27 9.83
C ARG B 8 8.57 7.26 9.25
N PHE B 9 8.68 7.17 7.93
CA PHE B 9 9.99 7.15 7.27
C PHE B 9 9.88 7.67 5.83
N GLU B 10 11.04 8.03 5.24
CA GLU B 10 11.07 8.55 3.87
C GLU B 10 11.30 7.43 2.85
N VAL B 11 10.50 7.42 1.79
CA VAL B 11 10.59 6.40 0.76
C VAL B 11 11.03 7.01 -0.57
N PRO B 12 12.14 6.51 -1.13
CA PRO B 12 12.69 6.97 -2.42
C PRO B 12 11.66 6.90 -3.54
N GLU B 13 11.71 7.87 -4.46
CA GLU B 13 10.74 8.00 -5.53
C GLU B 13 10.69 6.74 -6.41
N ASP B 14 11.84 6.26 -6.82
CA ASP B 14 11.92 5.07 -7.66
C ASP B 14 11.30 3.83 -7.00
N MET B 15 11.41 3.74 -5.68
CA MET B 15 10.75 2.66 -4.96
C MET B 15 9.23 2.86 -4.97
N GLN B 16 8.80 4.12 -4.94
CA GLN B 16 7.37 4.43 -4.98
C GLN B 16 6.79 4.02 -6.31
N ASN B 17 7.51 4.40 -7.37
CA ASN B 17 7.13 4.02 -8.72
C ASN B 17 7.12 2.51 -8.94
N GLU B 18 8.17 1.84 -8.48
CA GLU B 18 8.20 0.38 -8.53
C GLU B 18 6.96 -0.17 -7.84
N ALA B 19 6.64 0.36 -6.67
CA ALA B 19 5.48 -0.09 -5.90
C ALA B 19 4.14 0.12 -6.64
N LEU B 20 3.99 1.26 -7.29
CA LEU B 20 2.75 1.58 -7.97
C LEU B 20 2.59 0.75 -9.24
N SER B 21 3.69 0.56 -9.96
CA SER B 21 3.70 -0.31 -11.13
C SER B 21 3.30 -1.73 -10.72
N LEU B 22 3.92 -2.20 -9.65
CA LEU B 22 3.63 -3.53 -9.13
C LEU B 22 2.16 -3.66 -8.79
N LEU B 23 1.61 -2.64 -8.14
CA LEU B 23 0.20 -2.66 -7.75
C LEU B 23 -0.74 -2.73 -8.98
N GLU B 24 -0.48 -1.85 -9.96
CA GLU B 24 -1.17 -1.91 -11.25
C GLU B 24 -1.18 -3.33 -11.81
N LYS B 25 0.01 -3.94 -11.92
CA LYS B 25 0.10 -5.30 -12.48
C LYS B 25 -0.57 -6.38 -11.61
N VAL B 26 -0.50 -6.22 -10.30
CA VAL B 26 -1.12 -7.17 -9.39
C VAL B 26 -2.62 -7.18 -9.61
N ARG B 27 -3.17 -6.00 -9.86
CA ARG B 27 -4.60 -5.92 -10.20
C ARG B 27 -5.07 -6.92 -11.26
N GLU B 28 -4.17 -7.31 -12.18
CA GLU B 28 -4.52 -8.24 -13.26
C GLU B 28 -4.73 -9.69 -12.81
N SER B 29 -3.89 -10.18 -11.90
CA SER B 29 -3.98 -11.60 -11.52
C SER B 29 -4.13 -11.85 -10.02
N GLY B 30 -4.21 -10.80 -9.23
CA GLY B 30 -4.29 -10.94 -7.79
C GLY B 30 -5.51 -10.29 -7.20
N LYS B 31 -5.42 -9.89 -5.94
CA LYS B 31 -6.53 -9.22 -5.28
C LYS B 31 -6.01 -8.02 -4.52
N VAL B 32 -6.75 -6.91 -4.66
CA VAL B 32 -6.35 -5.65 -4.09
C VAL B 32 -7.52 -5.02 -3.33
N LYS B 33 -7.23 -4.45 -2.17
CA LYS B 33 -8.17 -3.62 -1.44
C LYS B 33 -7.83 -2.18 -1.72
N LYS B 34 -8.84 -1.34 -1.90
CA LYS B 34 -8.63 0.05 -2.29
C LYS B 34 -9.55 0.92 -1.44
N GLY B 35 -8.97 1.87 -0.71
CA GLY B 35 -9.76 2.71 0.18
C GLY B 35 -9.43 2.38 1.62
N THR B 36 -9.52 3.37 2.51
CA THR B 36 -9.00 3.18 3.87
C THR B 36 -9.79 2.17 4.68
N ASN B 37 -11.11 2.18 4.52
CA ASN B 37 -11.97 1.26 5.25
C ASN B 37 -11.68 -0.22 4.94
N GLU B 38 -11.66 -0.56 3.65
CA GLU B 38 -11.40 -1.93 3.18
C GLU B 38 -10.00 -2.35 3.57
N THR B 39 -9.08 -1.42 3.37
CA THR B 39 -7.67 -1.69 3.65
C THR B 39 -7.52 -2.03 5.12
N THR B 40 -8.06 -1.17 5.98
CA THR B 40 -7.96 -1.35 7.42
C THR B 40 -8.56 -2.68 7.83
N LYS B 41 -9.73 -2.98 7.30
CA LYS B 41 -10.39 -4.24 7.63
C LYS B 41 -9.55 -5.47 7.21
N ALA B 42 -9.03 -5.43 5.98
CA ALA B 42 -8.16 -6.47 5.47
C ALA B 42 -6.93 -6.65 6.35
N VAL B 43 -6.40 -5.54 6.85
CA VAL B 43 -5.23 -5.62 7.74
C VAL B 43 -5.64 -6.31 9.04
N GLU B 44 -6.75 -5.86 9.63
CA GLU B 44 -7.23 -6.44 10.87
C GLU B 44 -7.51 -7.93 10.74
N ARG B 45 -7.88 -8.37 9.54
CA ARG B 45 -8.21 -9.77 9.33
C ARG B 45 -6.97 -10.67 9.10
N GLY B 46 -5.80 -10.05 9.00
CA GLY B 46 -4.57 -10.78 8.76
C GLY B 46 -4.32 -11.04 7.30
N LEU B 47 -4.97 -10.29 6.43
CA LEU B 47 -4.97 -10.62 5.01
C LEU B 47 -3.98 -9.81 4.19
N ALA B 48 -3.56 -8.66 4.70
CA ALA B 48 -2.75 -7.76 3.89
C ALA B 48 -1.32 -8.29 3.67
N LYS B 49 -0.88 -8.32 2.42
CA LYS B 49 0.50 -8.66 2.13
C LYS B 49 1.31 -7.38 2.08
N LEU B 50 0.71 -6.33 1.52
CA LEU B 50 1.43 -5.05 1.49
C LEU B 50 0.48 -3.86 1.47
N VAL B 51 0.65 -2.88 2.35
CA VAL B 51 -0.24 -1.71 2.26
C VAL B 51 0.43 -0.44 1.75
N TYR B 52 -0.37 0.37 1.07
CA TYR B 52 0.06 1.61 0.47
C TYR B 52 -0.64 2.75 1.19
N ILE B 53 0.12 3.78 1.57
CA ILE B 53 -0.46 4.93 2.23
C ILE B 53 -0.03 6.20 1.51
N ALA B 54 -0.99 6.95 0.99
CA ALA B 54 -0.67 8.22 0.35
C ALA B 54 -0.16 9.19 1.42
N GLU B 55 0.72 10.09 1.01
CA GLU B 55 1.35 11.03 1.92
C GLU B 55 0.59 12.34 2.03
N ASP B 56 -0.30 12.59 1.07
CA ASP B 56 -1.02 13.88 1.00
C ASP B 56 -2.47 13.76 1.49
N VAL B 57 -2.68 13.01 2.56
CA VAL B 57 -4.03 12.77 3.08
C VAL B 57 -4.45 13.81 4.11
N ASP B 58 -5.65 14.36 3.94
CA ASP B 58 -6.16 15.32 4.90
C ASP B 58 -7.66 15.15 5.04
N PRO B 59 -8.16 15.19 6.29
CA PRO B 59 -7.36 15.23 7.53
C PRO B 59 -6.61 13.92 7.77
N PRO B 60 -5.45 13.99 8.44
CA PRO B 60 -4.51 12.87 8.60
C PRO B 60 -5.12 11.69 9.34
N GLU B 61 -6.05 11.98 10.23
CA GLU B 61 -6.74 10.96 11.02
C GLU B 61 -7.49 9.91 10.18
N ILE B 62 -7.61 10.16 8.88
CA ILE B 62 -8.21 9.17 8.00
C ILE B 62 -7.30 7.94 7.94
N VAL B 63 -6.00 8.16 7.78
CA VAL B 63 -5.07 7.05 7.59
C VAL B 63 -4.06 6.95 8.72
N ALA B 64 -4.15 7.85 9.68
CA ALA B 64 -3.15 7.96 10.74
C ALA B 64 -3.01 6.72 11.62
N HIS B 65 -4.04 5.88 11.65
CA HIS B 65 -3.99 4.63 12.42
C HIS B 65 -3.19 3.53 11.70
N LEU B 66 -3.08 3.63 10.37
CA LEU B 66 -2.51 2.54 9.56
C LEU B 66 -1.09 2.06 9.91
N PRO B 67 -0.11 2.96 10.03
CA PRO B 67 1.26 2.47 10.28
C PRO B 67 1.38 1.55 11.50
N LEU B 68 0.73 1.96 12.58
CA LEU B 68 0.84 1.23 13.84
C LEU B 68 0.07 -0.08 13.77
N LEU B 69 -1.12 -0.04 13.19
CA LEU B 69 -1.91 -1.25 12.97
C LEU B 69 -1.13 -2.28 12.15
N CYS B 70 -0.50 -1.81 11.07
CA CYS B 70 0.32 -2.66 10.22
C CYS B 70 1.48 -3.23 10.99
N GLU B 71 2.06 -2.42 11.87
CA GLU B 71 3.13 -2.95 12.70
C GLU B 71 2.66 -4.06 13.63
N GLU B 72 1.52 -3.85 14.29
CA GLU B 72 0.97 -4.86 15.21
C GLU B 72 0.64 -6.15 14.48
N LYS B 73 0.23 -6.02 13.23
CA LYS B 73 -0.13 -7.17 12.41
C LYS B 73 1.03 -7.69 11.58
N ASN B 74 2.23 -7.14 11.79
CA ASN B 74 3.42 -7.50 11.03
C ASN B 74 3.21 -7.39 9.53
N VAL B 75 2.72 -6.22 9.10
CA VAL B 75 2.41 -5.99 7.71
C VAL B 75 3.27 -4.86 7.17
N PRO B 76 4.03 -5.15 6.12
CA PRO B 76 4.88 -4.11 5.52
C PRO B 76 3.99 -3.08 4.84
N TYR B 77 4.36 -1.81 5.01
CA TYR B 77 3.63 -0.74 4.36
C TYR B 77 4.62 0.22 3.73
N ILE B 78 4.18 0.85 2.65
CA ILE B 78 5.00 1.81 1.94
C ILE B 78 4.18 3.09 1.72
N TYR B 79 4.88 4.22 1.65
CA TYR B 79 4.23 5.50 1.41
C TYR B 79 4.38 5.90 -0.05
N VAL B 80 3.35 6.54 -0.59
CA VAL B 80 3.39 7.10 -1.94
C VAL B 80 2.90 8.54 -1.90
N LYS B 81 3.46 9.41 -2.75
CA LYS B 81 3.23 10.84 -2.68
C LYS B 81 1.74 11.21 -2.64
N SER B 82 1.01 10.84 -3.67
CA SER B 82 -0.33 11.37 -3.87
C SER B 82 -1.43 10.33 -3.98
N LYS B 83 -2.58 10.65 -3.41
CA LYS B 83 -3.73 9.77 -3.47
C LYS B 83 -4.26 9.67 -4.89
N ASN B 84 -3.92 10.65 -5.71
CA ASN B 84 -4.26 10.64 -7.13
C ASN B 84 -3.53 9.50 -7.85
N ASP B 85 -2.21 9.46 -7.66
CA ASP B 85 -1.39 8.38 -8.20
C ASP B 85 -1.86 7.02 -7.70
N LEU B 86 -2.14 6.92 -6.40
CA LEU B 86 -2.58 5.64 -5.84
C LEU B 86 -3.91 5.21 -6.46
N GLY B 87 -4.80 6.17 -6.64
CA GLY B 87 -6.10 5.92 -7.26
C GLY B 87 -5.96 5.42 -8.69
N ARG B 88 -5.04 6.02 -9.44
CA ARG B 88 -4.78 5.56 -10.80
C ARG B 88 -4.20 4.14 -10.77
N ALA B 89 -3.27 3.91 -9.85
CA ALA B 89 -2.63 2.61 -9.72
C ALA B 89 -3.58 1.50 -9.29
N VAL B 90 -4.53 1.80 -8.39
CA VAL B 90 -5.53 0.78 -8.02
C VAL B 90 -6.67 0.75 -9.01
N GLY B 91 -6.63 1.63 -10.01
CA GLY B 91 -7.55 1.54 -11.12
C GLY B 91 -8.96 1.95 -10.77
N ILE B 92 -9.09 2.95 -9.90
CA ILE B 92 -10.38 3.59 -9.72
C ILE B 92 -10.35 4.97 -10.35
N GLU B 93 -11.49 5.66 -10.33
CA GLU B 93 -11.63 6.90 -11.07
C GLU B 93 -11.52 8.12 -10.16
N VAL B 94 -11.21 7.89 -8.88
CA VAL B 94 -11.11 8.98 -7.91
C VAL B 94 -9.84 8.78 -7.10
N PRO B 95 -9.41 9.80 -6.33
CA PRO B 95 -8.21 9.58 -5.51
C PRO B 95 -8.41 8.48 -4.46
N CYS B 96 -7.32 7.99 -3.89
CA CYS B 96 -7.38 6.86 -2.97
C CYS B 96 -6.31 7.02 -1.90
N ALA B 97 -6.74 7.08 -0.63
CA ALA B 97 -5.83 7.43 0.47
C ALA B 97 -4.94 6.28 0.90
N SER B 98 -5.41 5.05 0.69
CA SER B 98 -4.65 3.87 1.08
C SER B 98 -5.18 2.63 0.40
N ALA B 99 -4.32 1.62 0.28
CA ALA B 99 -4.70 0.38 -0.40
C ALA B 99 -3.90 -0.78 0.16
N ALA B 100 -4.15 -1.98 -0.36
CA ALA B 100 -3.40 -3.16 0.05
C ALA B 100 -3.44 -4.26 -0.98
N ILE B 101 -2.32 -4.94 -1.14
CA ILE B 101 -2.29 -6.20 -1.86
C ILE B 101 -2.58 -7.27 -0.84
N ILE B 102 -3.62 -8.05 -1.18
CA ILE B 102 -4.13 -9.18 -0.42
C ILE B 102 -3.66 -10.51 -1.05
N ASN B 103 -3.55 -10.53 -2.38
CA ASN B 103 -3.10 -11.72 -3.10
C ASN B 103 -2.17 -11.25 -4.22
N GLU B 104 -0.96 -11.80 -4.25
CA GLU B 104 0.09 -11.31 -5.14
C GLU B 104 -0.08 -11.81 -6.57
N GLY B 105 -1.03 -12.72 -6.77
CA GLY B 105 -1.25 -13.31 -8.07
C GLY B 105 0.05 -13.91 -8.60
N GLU B 106 0.45 -13.46 -9.80
CA GLU B 106 1.67 -13.97 -10.42
C GLU B 106 2.92 -13.17 -10.05
N LEU B 107 2.81 -12.26 -9.10
CA LEU B 107 3.92 -11.35 -8.81
C LEU B 107 4.60 -11.64 -7.47
N ARG B 108 4.50 -12.91 -7.06
CA ARG B 108 5.06 -13.37 -5.80
CA ARG B 108 5.06 -13.36 -5.80
C ARG B 108 6.51 -12.91 -5.61
N LYS B 109 7.39 -13.27 -6.53
CA LYS B 109 8.80 -12.88 -6.45
C LYS B 109 9.02 -11.36 -6.42
N GLU B 110 8.31 -10.65 -7.28
CA GLU B 110 8.45 -9.19 -7.39
C GLU B 110 8.00 -8.52 -6.11
N LEU B 111 6.89 -8.99 -5.58
CA LEU B 111 6.36 -8.48 -4.32
C LEU B 111 7.32 -8.74 -3.18
N GLY B 112 7.86 -9.95 -3.12
CA GLY B 112 8.75 -10.34 -2.05
C GLY B 112 9.96 -9.43 -2.05
N SER B 113 10.52 -9.23 -3.24
CA SER B 113 11.68 -8.37 -3.38
C SER B 113 11.35 -6.95 -2.94
N LEU B 114 10.20 -6.45 -3.39
CA LEU B 114 9.76 -5.13 -2.97
C LEU B 114 9.70 -5.00 -1.45
N VAL B 115 9.09 -5.97 -0.76
CA VAL B 115 8.98 -5.85 0.69
C VAL B 115 10.36 -5.92 1.33
N GLU B 116 11.26 -6.73 0.77
CA GLU B 116 12.61 -6.73 1.31
C GLU B 116 13.25 -5.34 1.16
N LYS B 117 12.96 -4.67 0.05
CA LYS B 117 13.56 -3.35 -0.19
C LYS B 117 13.00 -2.34 0.80
N ILE B 118 11.71 -2.46 1.06
CA ILE B 118 11.03 -1.68 2.08
C ILE B 118 11.63 -1.88 3.49
N LYS B 119 11.79 -3.15 3.89
CA LYS B 119 12.42 -3.46 5.17
C LYS B 119 13.82 -2.89 5.21
N GLY B 120 14.45 -2.79 4.04
CA GLY B 120 15.80 -2.28 3.94
C GLY B 120 15.93 -0.84 4.41
N LEU B 121 14.83 -0.10 4.37
CA LEU B 121 14.83 1.27 4.85
C LEU B 121 14.81 1.29 6.37
S SO4 C . -27.08 16.41 -11.97
O1 SO4 C . -28.24 17.11 -12.53
O2 SO4 C . -25.90 16.71 -12.80
O3 SO4 C . -26.88 16.87 -10.58
O4 SO4 C . -27.35 14.97 -12.00
#